data_6JXM
#
_entry.id   6JXM
#
_cell.length_a   120.178
_cell.length_b   120.178
_cell.length_c   187.494
_cell.angle_alpha   90.00
_cell.angle_beta   90.00
_cell.angle_gamma   90.00
#
_symmetry.space_group_name_H-M   'I 4 2 2'
#
loop_
_entity.id
_entity.type
_entity.pdbx_description
1 polymer 'RNA (97-mer)'
2 non-polymer 'MAGNESIUM ION'
3 non-polymer 'BARIUM ION'
#
_entity_poly.entity_id   1
_entity_poly.type   'polyribonucleotide'
_entity_poly.pdbx_seq_one_letter_code
;GCGGAAGUAGUUCAGUGGUAGAACACCCGACAGACGAAGCGCUAAAACGUGGGAUUCUGUCGGGGGGUCGCGGGUUCGAG
UCCCGUCUUCCGCUCCA
;
_entity_poly.pdbx_strand_id   B
#
loop_
_chem_comp.id
_chem_comp.type
_chem_comp.name
_chem_comp.formula
A RNA linking ADENOSINE-5'-MONOPHOSPHATE 'C10 H14 N5 O7 P'
BA non-polymer 'BARIUM ION' 'Ba 2'
C RNA linking CYTIDINE-5'-MONOPHOSPHATE 'C9 H14 N3 O8 P'
G RNA linking GUANOSINE-5'-MONOPHOSPHATE 'C10 H14 N5 O8 P'
MG non-polymer 'MAGNESIUM ION' 'Mg 2'
U RNA linking URIDINE-5'-MONOPHOSPHATE 'C9 H13 N2 O9 P'
#
# COMPACT_ATOMS: atom_id res chain seq x y z
MG MG B . -15.66 -12.16 3.35
MG MG C . 15.44 21.63 -1.91
MG MG D . 26.65 43.50 1.10
MG MG E . 9.06 8.50 6.27
MG MG F . 2.33 -7.69 -8.45
MG MG G . -17.08 -26.09 18.23
MG MG H . 2.05 -11.13 -6.60
BA BA I . 19.61 33.52 5.25
BA BA J . -1.96 -2.95 -7.17
BA BA K . -13.55 -23.93 7.32
BA BA L . -13.46 -32.55 -9.08
BA BA M . -12.75 -26.76 -2.59
BA BA N . -12.83 -28.64 -7.49
BA BA O . -24.96 -25.35 -9.38
BA BA P . -4.74 -10.76 5.95
BA BA Q . 23.32 54.41 5.66
BA BA R . 15.62 29.68 1.77
BA BA S . 17.39 31.60 10.20
BA BA T . 6.47 11.68 -0.48
BA BA U . -1.81 -13.61 6.60
BA BA V . -6.74 4.32 -9.25
BA BA W . -12.40 -17.22 -9.28
#